data_1B6R
#
_entry.id   1B6R
#
_cell.length_a   93.400
_cell.length_b   95.200
_cell.length_c   120.600
_cell.angle_alpha   90.00
_cell.angle_beta   90.00
_cell.angle_gamma   90.00
#
_symmetry.space_group_name_H-M   'C 2 2 21'
#
loop_
_entity.id
_entity.type
_entity.pdbx_description
1 polymer 'PROTEIN (N5-CARBOXYAMINOIMIDAZOLE RIBONUCLEOTIDE SYNTHETASE)'
2 non-polymer 'SULFATE ION'
3 water water
#
_entity_poly.entity_id   1
_entity_poly.type   'polypeptide(L)'
_entity_poly.pdbx_seq_one_letter_code
;MKQVCVLGNGQLGRMLRQAGEPLGIAVWPVGLDAEPAAVPFQQSVITAEIERWPETALTRQLARHPAFVNRDVFPIIADR
LTQKQLFDKLHLPTAPWQLLAERSEWPAVFDRLGELAIVKRRTGGYDGRGQWRLRANETEQLPAECYGECIVEQGINFSG
EVSLVGARGFDGSTVFYPLTHNLHQDGILRTSVAFPQANAQQQARAEEMLSAIMQELGYVGVMAMECFVTPQGLLINELA
PRVHNSGHWTQNGASISQFELHLRAITDLPLPQPVVNNPSVMINLIGSDVNYDWLKLPLVHLHWYDKEVRPGRKVGHLNL
TDSDTSRLTATLEALIPLLPPEYASGVIWAQSKFG
;
_entity_poly.pdbx_strand_id   A
#
loop_
_chem_comp.id
_chem_comp.type
_chem_comp.name
_chem_comp.formula
SO4 non-polymer 'SULFATE ION' 'O4 S -2'
#
# COMPACT_ATOMS: atom_id res chain seq x y z
N MET A 1 -5.95 -5.74 28.90
CA MET A 1 -5.84 -4.73 27.86
C MET A 1 -4.52 -4.74 27.12
N LYS A 2 -4.64 -5.11 25.85
CA LYS A 2 -3.51 -5.11 24.96
C LYS A 2 -3.25 -3.68 24.53
N GLN A 3 -1.99 -3.36 24.28
CA GLN A 3 -1.67 -2.02 23.91
C GLN A 3 -0.67 -1.99 22.79
N VAL A 4 -0.83 -1.00 21.94
CA VAL A 4 0.06 -0.87 20.81
C VAL A 4 0.41 0.59 20.53
N CYS A 5 1.65 0.86 20.19
CA CYS A 5 1.98 2.23 19.84
C CYS A 5 2.26 2.25 18.37
N VAL A 6 1.75 3.25 17.67
CA VAL A 6 1.96 3.30 16.25
C VAL A 6 2.89 4.42 15.89
N LEU A 7 4.06 4.08 15.45
CA LEU A 7 4.93 5.16 15.06
C LEU A 7 4.44 5.79 13.75
N GLY A 8 3.99 7.03 13.84
CA GLY A 8 3.43 7.76 12.72
C GLY A 8 2.03 8.23 13.10
N ASN A 9 1.78 9.49 12.84
CA ASN A 9 0.51 10.08 13.23
C ASN A 9 -0.49 10.34 12.12
N GLY A 10 -0.55 9.51 11.10
CA GLY A 10 -1.50 9.74 10.02
C GLY A 10 -2.77 8.91 10.05
N GLN A 11 -3.48 8.94 8.95
CA GLN A 11 -4.75 8.26 8.85
C GLN A 11 -4.65 6.78 9.05
N LEU A 12 -3.50 6.25 8.77
CA LEU A 12 -3.34 4.83 8.91
C LEU A 12 -3.33 4.52 10.37
N GLY A 13 -2.67 5.40 11.11
CA GLY A 13 -2.59 5.27 12.56
C GLY A 13 -3.96 5.51 13.19
N ARG A 14 -4.70 6.44 12.61
CA ARG A 14 -6.01 6.74 13.12
C ARG A 14 -6.94 5.56 12.87
N MET A 15 -6.85 5.01 11.68
CA MET A 15 -7.68 3.88 11.29
C MET A 15 -7.37 2.59 12.04
N LEU A 16 -6.11 2.44 12.47
CA LEU A 16 -5.71 1.29 13.25
C LEU A 16 -6.30 1.42 14.66
N ARG A 17 -6.26 2.64 15.21
CA ARG A 17 -6.82 2.95 16.51
C ARG A 17 -8.33 2.74 16.52
N GLN A 18 -8.98 3.12 15.42
CA GLN A 18 -10.40 2.95 15.30
C GLN A 18 -10.80 1.49 15.28
N ALA A 19 -9.97 0.68 14.67
CA ALA A 19 -10.26 -0.73 14.59
C ALA A 19 -9.93 -1.44 15.88
N GLY A 20 -8.95 -0.89 16.59
CA GLY A 20 -8.48 -1.46 17.83
C GLY A 20 -9.50 -1.45 18.95
N GLU A 21 -10.08 -0.28 19.17
CA GLU A 21 -11.04 -0.02 20.23
C GLU A 21 -12.12 -1.06 20.55
N PRO A 22 -12.93 -1.47 19.58
CA PRO A 22 -14.01 -2.43 19.82
C PRO A 22 -13.50 -3.80 20.20
N LEU A 23 -12.22 -4.01 20.01
CA LEU A 23 -11.59 -5.27 20.34
C LEU A 23 -10.93 -5.23 21.71
N GLY A 24 -10.97 -4.07 22.35
CA GLY A 24 -10.34 -3.93 23.65
C GLY A 24 -8.81 -3.78 23.56
N ILE A 25 -8.35 -3.32 22.41
CA ILE A 25 -6.95 -3.08 22.12
C ILE A 25 -6.73 -1.59 21.98
N ALA A 26 -5.90 -1.02 22.86
CA ALA A 26 -5.60 0.40 22.81
C ALA A 26 -4.43 0.70 21.89
N VAL A 27 -4.63 1.62 20.95
CA VAL A 27 -3.63 1.98 19.99
C VAL A 27 -3.29 3.42 20.15
N TRP A 28 -2.00 3.72 20.27
CA TRP A 28 -1.51 5.07 20.49
C TRP A 28 -0.64 5.54 19.37
N PRO A 29 -1.27 6.22 18.41
CA PRO A 29 -0.54 6.75 17.28
C PRO A 29 0.36 7.84 17.81
N VAL A 30 1.62 7.79 17.43
CA VAL A 30 2.56 8.75 17.92
C VAL A 30 3.29 9.49 16.82
N GLY A 31 3.52 10.77 17.05
CA GLY A 31 4.25 11.53 16.06
C GLY A 31 5.73 11.39 16.34
N LEU A 32 6.57 11.80 15.40
CA LEU A 32 8.01 11.71 15.60
C LEU A 32 8.57 12.68 16.64
N ASP A 33 7.98 13.87 16.61
CA ASP A 33 8.37 14.96 17.49
C ASP A 33 8.33 14.57 18.97
N ALA A 34 7.20 13.93 19.33
CA ALA A 34 6.80 13.44 20.66
C ALA A 34 7.91 12.94 21.59
N GLU A 35 7.63 13.12 22.89
CA GLU A 35 8.54 12.72 23.96
C GLU A 35 8.17 11.36 24.48
N PRO A 36 9.22 10.57 24.68
CA PRO A 36 9.11 9.20 25.12
C PRO A 36 8.33 8.99 26.40
N ALA A 37 7.94 10.11 27.00
CA ALA A 37 7.22 10.05 28.26
C ALA A 37 5.72 10.07 28.06
N ALA A 38 5.34 10.68 26.94
CA ALA A 38 3.96 10.81 26.55
C ALA A 38 3.29 9.49 26.13
N VAL A 39 4.08 8.55 25.59
CA VAL A 39 3.50 7.28 25.15
C VAL A 39 3.90 6.08 26.01
N PRO A 40 2.92 5.16 26.15
CA PRO A 40 3.10 3.93 26.90
C PRO A 40 3.97 2.91 26.18
N PHE A 41 5.04 3.38 25.53
CA PHE A 41 5.99 2.55 24.81
C PHE A 41 6.40 1.35 25.69
N GLN A 42 6.77 1.68 26.91
CA GLN A 42 7.17 0.69 27.88
C GLN A 42 6.25 -0.51 28.02
N GLN A 43 4.96 -0.33 27.86
CA GLN A 43 4.14 -1.51 28.01
C GLN A 43 3.27 -1.89 26.83
N SER A 44 3.76 -1.64 25.62
CA SER A 44 2.98 -1.98 24.48
C SER A 44 3.83 -2.57 23.38
N VAL A 45 3.15 -3.08 22.37
CA VAL A 45 3.79 -3.58 21.18
C VAL A 45 3.95 -2.33 20.31
N ILE A 46 5.03 -2.27 19.56
CA ILE A 46 5.22 -1.11 18.75
C ILE A 46 5.20 -1.45 17.27
N THR A 47 4.54 -0.60 16.50
CA THR A 47 4.45 -0.78 15.05
C THR A 47 4.61 0.56 14.37
N ALA A 48 4.57 0.58 13.05
CA ALA A 48 4.76 1.82 12.34
C ALA A 48 3.97 1.89 11.06
N GLU A 49 3.49 3.11 10.80
CA GLU A 49 2.74 3.42 9.62
C GLU A 49 3.64 4.11 8.61
N ILE A 50 4.92 4.25 8.97
CA ILE A 50 5.94 4.87 8.14
C ILE A 50 7.07 3.89 7.91
N GLU A 51 7.76 4.00 6.77
CA GLU A 51 8.83 3.07 6.43
C GLU A 51 10.20 3.46 6.91
N ARG A 52 10.37 4.77 7.05
CA ARG A 52 11.62 5.31 7.53
C ARG A 52 11.40 6.61 8.27
N TRP A 53 12.21 6.81 9.29
CA TRP A 53 12.11 7.98 10.12
C TRP A 53 13.47 8.56 10.53
N PRO A 54 13.45 9.84 10.91
CA PRO A 54 14.65 10.52 11.33
C PRO A 54 14.97 10.10 12.76
N GLU A 55 16.14 10.49 13.25
CA GLU A 55 16.52 10.18 14.61
C GLU A 55 15.97 11.24 15.57
N THR A 56 15.31 10.77 16.63
CA THR A 56 14.71 11.64 17.64
C THR A 56 14.71 11.00 19.00
N ALA A 57 14.26 11.77 19.98
CA ALA A 57 14.17 11.31 21.35
C ALA A 57 13.44 9.97 21.40
N LEU A 58 12.32 10.00 20.69
CA LEU A 58 11.44 8.87 20.55
C LEU A 58 12.13 7.72 19.86
N THR A 59 12.21 7.82 18.53
CA THR A 59 12.83 6.83 17.67
C THR A 59 14.12 6.25 18.19
N ARG A 60 14.77 6.99 19.08
CA ARG A 60 16.01 6.53 19.66
C ARG A 60 15.70 5.37 20.57
N GLN A 61 14.82 5.63 21.50
CA GLN A 61 14.41 4.62 22.42
C GLN A 61 13.75 3.44 21.72
N LEU A 62 13.07 3.72 20.61
CA LEU A 62 12.35 2.70 19.87
C LEU A 62 13.23 1.65 19.26
N ALA A 63 14.41 2.07 18.83
CA ALA A 63 15.34 1.14 18.26
C ALA A 63 15.87 0.19 19.32
N ARG A 64 15.51 0.48 20.56
CA ARG A 64 15.89 -0.33 21.71
C ARG A 64 14.76 -1.22 22.15
N HIS A 65 13.56 -0.86 21.71
CA HIS A 65 12.41 -1.61 22.11
C HIS A 65 12.54 -3.08 21.75
N PRO A 66 12.19 -3.90 22.73
CA PRO A 66 12.18 -5.36 22.61
C PRO A 66 10.96 -5.86 21.83
N ALA A 67 10.01 -4.96 21.59
CA ALA A 67 8.80 -5.34 20.91
C ALA A 67 8.38 -4.39 19.82
N PHE A 68 9.36 -4.01 19.04
CA PHE A 68 9.13 -3.19 17.88
C PHE A 68 9.08 -4.20 16.75
N VAL A 69 7.86 -4.53 16.36
CA VAL A 69 7.61 -5.55 15.35
C VAL A 69 8.08 -5.21 13.94
N ASN A 70 8.92 -6.11 13.40
CA ASN A 70 9.54 -6.04 12.08
C ASN A 70 10.53 -4.89 11.93
N ARG A 71 11.04 -4.44 13.07
CA ARG A 71 11.97 -3.34 13.13
C ARG A 71 12.98 -3.28 11.98
N ASP A 72 13.62 -4.42 11.75
CA ASP A 72 14.66 -4.58 10.74
C ASP A 72 14.22 -4.68 9.30
N VAL A 73 12.95 -4.96 9.07
CA VAL A 73 12.49 -5.08 7.73
C VAL A 73 12.41 -3.75 6.99
N PHE A 74 11.91 -2.75 7.70
CA PHE A 74 11.70 -1.42 7.15
C PHE A 74 12.77 -0.90 6.21
N PRO A 75 13.96 -0.90 6.73
CA PRO A 75 15.12 -0.42 6.01
C PRO A 75 15.35 -1.13 4.68
N ILE A 76 15.11 -2.43 4.69
CA ILE A 76 15.30 -3.25 3.52
C ILE A 76 14.35 -2.81 2.44
N ILE A 77 13.18 -2.45 2.92
CA ILE A 77 12.16 -2.01 2.03
C ILE A 77 12.33 -0.55 1.75
N ALA A 78 12.81 0.19 2.76
CA ALA A 78 12.97 1.62 2.59
C ALA A 78 13.84 1.96 1.40
N ASP A 79 14.86 1.14 1.22
CA ASP A 79 15.81 1.32 0.13
C ASP A 79 15.46 0.49 -1.10
N ARG A 80 15.21 1.17 -2.20
CA ARG A 80 14.85 0.55 -3.46
C ARG A 80 15.86 -0.49 -3.90
N LEU A 81 17.12 -0.16 -3.64
CA LEU A 81 18.19 -1.08 -3.99
C LEU A 81 17.98 -2.44 -3.35
N THR A 82 17.95 -2.43 -2.02
CA THR A 82 17.76 -3.62 -1.21
C THR A 82 16.42 -4.29 -1.46
N GLN A 83 15.42 -3.49 -1.75
CA GLN A 83 14.15 -4.06 -2.04
C GLN A 83 14.25 -4.88 -3.33
N LYS A 84 14.74 -4.23 -4.38
CA LYS A 84 14.92 -4.86 -5.67
C LYS A 84 15.79 -6.11 -5.56
N GLN A 85 16.84 -6.00 -4.77
CA GLN A 85 17.71 -7.13 -4.56
C GLN A 85 17.01 -8.30 -3.87
N LEU A 86 15.99 -8.00 -3.05
CA LEU A 86 15.26 -9.06 -2.34
C LEU A 86 14.42 -9.91 -3.28
N PHE A 87 13.88 -9.22 -4.25
CA PHE A 87 13.10 -9.93 -5.23
C PHE A 87 14.04 -10.85 -5.97
N ASP A 88 15.20 -10.28 -6.26
CA ASP A 88 16.21 -11.00 -7.01
C ASP A 88 16.62 -12.25 -6.26
N LYS A 89 16.88 -12.08 -4.98
CA LYS A 89 17.28 -13.21 -4.17
C LYS A 89 16.25 -14.33 -4.18
N LEU A 90 14.97 -13.98 -4.20
CA LEU A 90 13.93 -14.97 -4.16
C LEU A 90 13.52 -15.44 -5.55
N HIS A 91 14.15 -14.88 -6.56
CA HIS A 91 13.83 -15.25 -7.93
C HIS A 91 12.41 -14.90 -8.34
N LEU A 92 11.96 -13.73 -7.91
CA LEU A 92 10.62 -13.27 -8.25
C LEU A 92 10.68 -12.32 -9.43
N PRO A 93 9.68 -12.40 -10.31
CA PRO A 93 9.65 -11.53 -11.45
C PRO A 93 9.49 -10.10 -11.04
N THR A 94 10.27 -9.25 -11.67
CA THR A 94 10.24 -7.86 -11.40
C THR A 94 10.83 -7.22 -12.62
N ALA A 95 10.70 -5.91 -12.75
CA ALA A 95 11.26 -5.26 -13.92
C ALA A 95 12.77 -5.23 -13.86
N PRO A 96 13.36 -5.61 -14.99
CA PRO A 96 14.79 -5.59 -15.13
C PRO A 96 15.34 -4.23 -14.70
N TRP A 97 16.38 -4.23 -13.88
CA TRP A 97 16.99 -3.01 -13.42
C TRP A 97 18.46 -3.22 -13.10
N GLN A 98 19.05 -2.14 -12.60
CA GLN A 98 20.44 -2.06 -12.17
C GLN A 98 20.72 -0.71 -11.55
N LEU A 99 21.62 -0.69 -10.63
CA LEU A 99 21.90 0.60 -10.04
C LEU A 99 22.68 1.43 -11.04
N LEU A 100 22.55 2.76 -10.99
CA LEU A 100 23.26 3.65 -11.88
C LEU A 100 24.62 3.94 -11.30
N ALA A 101 25.64 3.41 -11.96
CA ALA A 101 27.03 3.53 -11.55
C ALA A 101 27.84 4.57 -12.33
N GLU A 102 27.85 4.44 -13.66
CA GLU A 102 28.62 5.34 -14.50
C GLU A 102 28.08 5.49 -15.90
N ARG A 103 28.45 6.63 -16.45
CA ARG A 103 28.04 7.00 -17.80
C ARG A 103 28.41 5.97 -18.86
N SER A 104 29.43 5.17 -18.55
CA SER A 104 29.88 4.14 -19.50
C SER A 104 28.78 3.16 -19.84
N GLU A 105 27.98 2.87 -18.82
CA GLU A 105 26.88 1.93 -18.85
C GLU A 105 25.77 2.35 -19.78
N TRP A 106 25.40 3.63 -19.66
CA TRP A 106 24.36 4.30 -20.42
C TRP A 106 23.99 3.65 -21.73
N PRO A 107 25.01 3.39 -22.53
CA PRO A 107 24.82 2.82 -23.84
C PRO A 107 24.13 1.44 -23.86
N ALA A 108 24.52 0.59 -22.93
CA ALA A 108 23.99 -0.77 -22.87
C ALA A 108 22.79 -0.90 -21.96
N VAL A 109 22.56 0.17 -21.21
CA VAL A 109 21.44 0.24 -20.33
C VAL A 109 20.21 0.39 -21.19
N PHE A 110 20.39 1.12 -22.30
CA PHE A 110 19.34 1.34 -23.30
C PHE A 110 19.15 0.13 -24.20
N ASP A 111 20.15 -0.75 -24.22
CA ASP A 111 20.16 -1.97 -25.01
C ASP A 111 19.23 -3.06 -24.46
N ARG A 112 19.39 -3.39 -23.17
CA ARG A 112 18.59 -4.43 -22.52
C ARG A 112 17.31 -3.91 -21.86
N LEU A 113 17.29 -2.61 -21.57
CA LEU A 113 16.16 -1.97 -20.93
C LEU A 113 15.26 -1.28 -21.96
N GLY A 114 15.83 -0.98 -23.13
CA GLY A 114 15.11 -0.36 -24.24
C GLY A 114 15.08 1.16 -24.32
N GLU A 115 14.11 1.64 -25.11
CA GLU A 115 13.84 3.04 -25.39
C GLU A 115 13.85 3.94 -24.16
N LEU A 116 12.93 3.64 -23.23
CA LEU A 116 12.78 4.41 -22.01
C LEU A 116 13.40 3.80 -20.77
N ALA A 117 14.24 4.62 -20.16
CA ALA A 117 14.89 4.22 -18.94
C ALA A 117 14.29 4.99 -17.78
N ILE A 118 13.81 4.25 -16.80
CA ILE A 118 13.25 4.82 -15.61
C ILE A 118 14.23 4.90 -14.46
N VAL A 119 14.62 6.13 -14.17
CA VAL A 119 15.55 6.43 -13.11
C VAL A 119 14.86 6.75 -11.82
N LYS A 120 15.38 6.17 -10.77
CA LYS A 120 14.77 6.40 -9.50
C LYS A 120 15.80 6.49 -8.44
N ARG A 121 15.44 7.28 -7.46
CA ARG A 121 16.25 7.49 -6.31
C ARG A 121 16.08 6.29 -5.41
N ARG A 122 17.05 6.06 -4.57
CA ARG A 122 16.97 4.93 -3.68
C ARG A 122 16.03 5.17 -2.50
N THR A 123 16.13 6.35 -1.87
CA THR A 123 15.31 6.70 -0.69
C THR A 123 14.11 7.66 -0.92
N GLY A 130 12.02 12.97 -7.69
CA GLY A 130 11.47 11.63 -7.46
C GLY A 130 12.02 10.59 -8.44
N GLN A 131 11.43 10.58 -9.65
CA GLN A 131 11.81 9.69 -10.72
C GLN A 131 11.97 10.43 -12.02
N TRP A 132 12.72 9.83 -12.92
CA TRP A 132 12.94 10.42 -14.21
C TRP A 132 12.64 9.39 -15.28
N ARG A 133 12.23 9.88 -16.40
CA ARG A 133 11.99 9.02 -17.52
C ARG A 133 12.82 9.64 -18.63
N LEU A 134 14.00 9.08 -18.74
CA LEU A 134 14.98 9.54 -19.68
C LEU A 134 15.13 8.64 -20.87
N ARG A 135 15.29 9.33 -21.99
CA ARG A 135 15.54 8.68 -23.23
C ARG A 135 17.03 8.84 -23.44
N ALA A 136 17.59 8.07 -24.35
CA ALA A 136 19.04 8.08 -24.57
C ALA A 136 19.80 9.42 -24.49
N ASN A 137 19.20 10.49 -24.98
CA ASN A 137 19.77 11.82 -25.08
C ASN A 137 19.52 12.74 -23.92
N GLU A 138 18.57 12.33 -23.11
CA GLU A 138 18.20 13.08 -21.94
C GLU A 138 19.13 12.72 -20.81
N THR A 139 20.10 11.89 -21.16
CA THR A 139 21.10 11.44 -20.22
C THR A 139 21.68 12.57 -19.40
N GLU A 140 21.99 13.65 -20.11
CA GLU A 140 22.61 14.83 -19.54
C GLU A 140 21.70 15.61 -18.60
N GLN A 141 20.40 15.30 -18.69
CA GLN A 141 19.35 15.91 -17.91
C GLN A 141 19.25 15.42 -16.47
N LEU A 142 20.01 14.39 -16.17
CA LEU A 142 19.99 13.80 -14.85
C LEU A 142 21.03 14.43 -13.93
N PRO A 143 20.71 14.55 -12.64
CA PRO A 143 21.67 15.08 -11.71
C PRO A 143 22.94 14.23 -11.70
N ALA A 144 24.09 14.87 -11.49
CA ALA A 144 25.32 14.09 -11.46
C ALA A 144 25.31 13.21 -10.23
N GLU A 145 24.77 13.80 -9.16
CA GLU A 145 24.62 13.19 -7.85
C GLU A 145 24.00 11.78 -7.91
N CYS A 146 23.16 11.57 -8.91
CA CYS A 146 22.45 10.32 -9.11
C CYS A 146 23.34 9.11 -9.26
N TYR A 147 24.48 9.27 -9.95
CA TYR A 147 25.37 8.14 -10.17
C TYR A 147 25.76 7.33 -8.95
N GLY A 148 25.02 6.24 -8.69
CA GLY A 148 25.31 5.37 -7.56
C GLY A 148 24.45 5.70 -6.35
N GLU A 149 23.33 6.35 -6.58
CA GLU A 149 22.42 6.66 -5.50
C GLU A 149 21.03 6.55 -6.07
N CYS A 150 21.03 6.22 -7.36
CA CYS A 150 19.85 6.07 -8.17
C CYS A 150 19.91 4.81 -9.01
N ILE A 151 18.72 4.25 -9.19
CA ILE A 151 18.56 2.99 -9.91
C ILE A 151 17.82 3.19 -11.21
N VAL A 152 18.03 2.25 -12.09
CA VAL A 152 17.36 2.29 -13.38
C VAL A 152 16.52 1.04 -13.55
N GLU A 153 15.33 1.22 -14.11
CA GLU A 153 14.45 0.10 -14.30
C GLU A 153 13.89 0.05 -15.70
N GLN A 154 13.68 -1.15 -16.16
CA GLN A 154 13.15 -1.25 -17.47
C GLN A 154 11.77 -0.64 -17.49
N GLY A 155 11.41 -0.02 -18.60
CA GLY A 155 10.11 0.60 -18.70
C GLY A 155 9.12 -0.48 -19.07
N ILE A 156 8.28 -0.87 -18.11
CA ILE A 156 7.32 -1.95 -18.30
C ILE A 156 5.92 -1.57 -18.76
N ASN A 157 5.48 -2.27 -19.79
CA ASN A 157 4.15 -1.99 -20.30
C ASN A 157 3.14 -3.01 -19.82
N PHE A 158 2.36 -2.57 -18.86
CA PHE A 158 1.42 -3.48 -18.29
C PHE A 158 0.03 -3.20 -18.77
N SER A 159 -0.75 -4.26 -18.68
CA SER A 159 -2.15 -4.26 -19.01
C SER A 159 -2.97 -3.68 -17.86
N GLY A 160 -2.49 -3.88 -16.65
CA GLY A 160 -3.19 -3.38 -15.49
C GLY A 160 -2.37 -3.50 -14.22
N GLU A 161 -2.90 -2.95 -13.12
CA GLU A 161 -2.22 -3.01 -11.85
C GLU A 161 -3.07 -3.66 -10.79
N VAL A 162 -2.41 -4.40 -9.91
CA VAL A 162 -3.11 -5.08 -8.85
C VAL A 162 -2.24 -5.12 -7.62
N SER A 163 -2.84 -5.37 -6.47
CA SER A 163 -2.09 -5.49 -5.25
C SER A 163 -2.61 -6.67 -4.45
N LEU A 164 -1.71 -7.29 -3.75
CA LEU A 164 -2.09 -8.39 -2.92
C LEU A 164 -1.86 -8.00 -1.50
N VAL A 165 -2.94 -8.01 -0.75
CA VAL A 165 -2.85 -7.67 0.64
C VAL A 165 -3.02 -8.92 1.45
N GLY A 166 -2.15 -9.16 2.43
CA GLY A 166 -2.24 -10.36 3.24
C GLY A 166 -1.45 -10.18 4.52
N ALA A 167 -1.43 -11.20 5.38
CA ALA A 167 -0.72 -11.09 6.66
C ALA A 167 -0.10 -12.38 7.07
N ARG A 168 0.86 -12.29 7.97
CA ARG A 168 1.53 -13.49 8.45
C ARG A 168 1.63 -13.43 9.94
N GLY A 169 1.46 -14.56 10.60
CA GLY A 169 1.56 -14.52 12.04
C GLY A 169 2.90 -15.02 12.56
N PHE A 170 3.09 -14.88 13.88
CA PHE A 170 4.31 -15.33 14.54
C PHE A 170 4.58 -16.80 14.31
N ASP A 171 3.48 -17.51 14.08
CA ASP A 171 3.45 -18.93 13.82
C ASP A 171 3.69 -19.29 12.36
N GLY A 172 3.92 -18.27 11.53
CA GLY A 172 4.16 -18.54 10.12
C GLY A 172 2.88 -18.73 9.32
N SER A 173 1.76 -18.66 10.04
CA SER A 173 0.47 -18.74 9.40
C SER A 173 0.31 -17.52 8.48
N THR A 174 -0.45 -17.71 7.42
CA THR A 174 -0.65 -16.67 6.45
C THR A 174 -2.07 -16.61 5.88
N VAL A 175 -2.64 -15.39 5.83
CA VAL A 175 -3.96 -15.13 5.27
C VAL A 175 -3.90 -14.00 4.24
N PHE A 176 -4.72 -14.08 3.19
CA PHE A 176 -4.74 -13.05 2.15
C PHE A 176 -6.15 -12.59 1.73
N TYR A 177 -6.25 -11.40 1.16
CA TYR A 177 -7.51 -10.91 0.63
C TYR A 177 -7.46 -11.21 -0.86
N PRO A 178 -8.59 -11.02 -1.55
CA PRO A 178 -8.59 -11.22 -2.98
C PRO A 178 -7.79 -10.09 -3.59
N LEU A 179 -7.33 -10.29 -4.80
CA LEU A 179 -6.56 -9.24 -5.43
C LEU A 179 -7.41 -8.06 -5.62
N THR A 180 -6.77 -6.93 -5.52
CA THR A 180 -7.46 -5.71 -5.70
C THR A 180 -6.95 -5.00 -6.94
N HIS A 181 -7.85 -4.60 -7.82
CA HIS A 181 -7.51 -3.85 -9.02
C HIS A 181 -7.33 -2.35 -8.71
N ASN A 182 -6.16 -1.81 -9.02
CA ASN A 182 -5.93 -0.42 -8.71
C ASN A 182 -5.83 0.50 -9.92
N LEU A 183 -6.14 1.76 -9.68
CA LEU A 183 -6.05 2.78 -10.71
C LEU A 183 -5.24 3.94 -10.23
N HIS A 184 -4.09 4.16 -10.84
CA HIS A 184 -3.33 5.29 -10.41
C HIS A 184 -3.46 6.39 -11.44
N GLN A 185 -3.45 7.62 -10.96
CA GLN A 185 -3.50 8.76 -11.85
C GLN A 185 -2.50 9.76 -11.37
N ASP A 186 -1.63 10.17 -12.29
CA ASP A 186 -0.60 11.11 -11.95
C ASP A 186 0.18 10.64 -10.73
N GLY A 187 0.40 9.33 -10.69
CA GLY A 187 1.15 8.71 -9.61
C GLY A 187 0.37 8.63 -8.31
N ILE A 188 -0.94 8.74 -8.40
CA ILE A 188 -1.74 8.68 -7.21
C ILE A 188 -2.87 7.69 -7.32
N LEU A 189 -2.99 6.82 -6.29
CA LEU A 189 -4.06 5.82 -6.27
C LEU A 189 -5.39 6.54 -6.31
N ARG A 190 -6.27 6.20 -7.22
CA ARG A 190 -7.50 6.93 -7.20
C ARG A 190 -8.67 6.03 -6.90
N THR A 191 -8.63 4.83 -7.44
CA THR A 191 -9.72 3.91 -7.32
C THR A 191 -9.21 2.49 -7.20
N SER A 192 -9.89 1.70 -6.35
CA SER A 192 -9.55 0.32 -6.13
C SER A 192 -10.81 -0.51 -6.22
N VAL A 193 -10.74 -1.67 -6.86
CA VAL A 193 -11.92 -2.54 -6.98
C VAL A 193 -11.57 -3.94 -6.55
N ALA A 194 -12.40 -4.51 -5.72
CA ALA A 194 -12.12 -5.86 -5.34
C ALA A 194 -13.30 -6.76 -5.59
N PHE A 195 -13.02 -7.93 -6.15
CA PHE A 195 -14.04 -8.91 -6.39
C PHE A 195 -13.80 -10.07 -5.41
N PRO A 196 -14.89 -10.61 -4.88
CA PRO A 196 -14.79 -11.68 -3.90
C PRO A 196 -14.02 -12.91 -4.40
N GLN A 197 -14.15 -13.16 -5.70
CA GLN A 197 -13.50 -14.26 -6.37
C GLN A 197 -12.57 -13.78 -7.47
N ALA A 198 -11.31 -13.60 -7.12
CA ALA A 198 -10.38 -13.19 -8.14
C ALA A 198 -10.12 -14.40 -9.04
N ASN A 199 -9.34 -14.20 -10.11
CA ASN A 199 -8.96 -15.31 -10.95
C ASN A 199 -8.17 -16.26 -10.05
N ALA A 200 -8.62 -17.48 -9.92
CA ALA A 200 -7.97 -18.40 -9.02
C ALA A 200 -6.48 -18.65 -9.25
N GLN A 201 -6.07 -18.73 -10.53
CA GLN A 201 -4.67 -18.96 -10.88
C GLN A 201 -3.82 -17.75 -10.55
N GLN A 202 -4.29 -16.59 -10.99
CA GLN A 202 -3.56 -15.41 -10.73
C GLN A 202 -3.46 -15.15 -9.26
N GLN A 203 -4.53 -15.46 -8.52
CA GLN A 203 -4.52 -15.27 -7.10
C GLN A 203 -3.50 -16.19 -6.45
N ALA A 204 -3.49 -17.40 -6.97
CA ALA A 204 -2.55 -18.39 -6.49
C ALA A 204 -1.13 -17.94 -6.78
N ARG A 205 -0.87 -17.52 -8.04
CA ARG A 205 0.46 -17.05 -8.37
C ARG A 205 0.91 -15.92 -7.47
N ALA A 206 0.02 -14.97 -7.21
CA ALA A 206 0.43 -13.88 -6.37
C ALA A 206 0.74 -14.28 -4.91
N GLU A 207 -0.12 -15.12 -4.28
CA GLU A 207 0.09 -15.54 -2.91
C GLU A 207 1.44 -16.23 -2.74
N GLU A 208 1.77 -17.04 -3.74
CA GLU A 208 3.05 -17.71 -3.76
C GLU A 208 4.22 -16.76 -3.59
N MET A 209 4.17 -15.63 -4.31
CA MET A 209 5.20 -14.64 -4.21
C MET A 209 5.14 -13.91 -2.90
N LEU A 210 3.95 -13.59 -2.41
CA LEU A 210 3.96 -12.87 -1.16
C LEU A 210 4.42 -13.70 0.04
N SER A 211 4.07 -14.99 0.07
CA SER A 211 4.51 -15.84 1.16
C SER A 211 6.00 -16.00 1.18
N ALA A 212 6.57 -16.24 0.00
CA ALA A 212 8.01 -16.36 -0.12
C ALA A 212 8.64 -15.11 0.51
N ILE A 213 8.10 -13.97 0.19
CA ILE A 213 8.62 -12.75 0.74
C ILE A 213 8.48 -12.67 2.24
N MET A 214 7.26 -12.75 2.73
CA MET A 214 7.04 -12.65 4.18
C MET A 214 7.87 -13.61 5.00
N GLN A 215 7.95 -14.84 4.51
CA GLN A 215 8.68 -15.84 5.20
C GLN A 215 10.15 -15.52 5.24
N GLU A 216 10.64 -15.17 4.10
CA GLU A 216 12.03 -14.83 4.02
C GLU A 216 12.37 -13.72 4.98
N LEU A 217 11.48 -12.74 5.06
CA LEU A 217 11.69 -11.60 5.93
C LEU A 217 11.32 -11.86 7.38
N GLY A 218 10.63 -12.97 7.65
CA GLY A 218 10.19 -13.21 9.01
C GLY A 218 9.16 -12.15 9.37
N TYR A 219 8.35 -11.77 8.39
CA TYR A 219 7.40 -10.71 8.60
C TYR A 219 6.17 -11.11 9.38
N VAL A 220 5.82 -10.28 10.34
CA VAL A 220 4.64 -10.56 11.11
C VAL A 220 3.71 -9.37 11.02
N GLY A 221 2.55 -9.61 10.42
CA GLY A 221 1.58 -8.53 10.29
C GLY A 221 1.14 -8.36 8.86
N VAL A 222 0.52 -7.21 8.60
CA VAL A 222 -0.01 -6.93 7.29
C VAL A 222 1.03 -6.34 6.34
N MET A 223 1.04 -6.85 5.11
CA MET A 223 1.96 -6.38 4.10
C MET A 223 1.23 -6.33 2.78
N ALA A 224 1.51 -5.32 1.97
CA ALA A 224 0.88 -5.26 0.67
C ALA A 224 1.90 -5.39 -0.42
N MET A 225 1.52 -6.04 -1.52
CA MET A 225 2.43 -6.19 -2.62
C MET A 225 1.81 -5.68 -3.89
N GLU A 226 2.45 -4.66 -4.50
CA GLU A 226 1.92 -4.10 -5.75
C GLU A 226 2.59 -4.70 -6.96
N CYS A 227 1.80 -5.04 -7.96
CA CYS A 227 2.30 -5.66 -9.17
C CYS A 227 1.68 -5.10 -10.42
N PHE A 228 2.30 -5.47 -11.51
CA PHE A 228 1.84 -5.11 -12.82
C PHE A 228 1.37 -6.37 -13.45
N VAL A 229 0.28 -6.22 -14.17
CA VAL A 229 -0.25 -7.34 -14.88
C VAL A 229 0.36 -7.19 -16.26
N THR A 230 1.07 -8.21 -16.71
CA THR A 230 1.67 -8.11 -18.02
C THR A 230 1.40 -9.35 -18.84
N PRO A 231 1.97 -9.35 -20.04
CA PRO A 231 1.84 -10.47 -20.95
C PRO A 231 2.57 -11.72 -20.47
N GLN A 232 3.69 -11.53 -19.74
CA GLN A 232 4.48 -12.62 -19.16
C GLN A 232 4.32 -12.73 -17.65
N GLY A 233 3.07 -12.73 -17.24
CA GLY A 233 2.71 -12.85 -15.85
C GLY A 233 2.79 -11.55 -15.09
N LEU A 234 2.74 -11.72 -13.77
CA LEU A 234 2.75 -10.66 -12.82
C LEU A 234 4.15 -10.23 -12.53
N LEU A 235 4.36 -8.95 -12.33
CA LEU A 235 5.68 -8.51 -12.01
C LEU A 235 5.59 -7.74 -10.71
N ILE A 236 6.48 -8.04 -9.79
CA ILE A 236 6.42 -7.31 -8.56
C ILE A 236 6.94 -5.93 -8.83
N ASN A 237 6.17 -4.95 -8.44
CA ASN A 237 6.57 -3.58 -8.61
C ASN A 237 7.10 -3.06 -7.30
N GLU A 238 6.23 -3.03 -6.29
CA GLU A 238 6.65 -2.57 -4.99
C GLU A 238 5.92 -3.24 -3.84
N LEU A 239 6.52 -3.17 -2.65
CA LEU A 239 6.01 -3.73 -1.41
C LEU A 239 5.80 -2.69 -0.33
N ALA A 240 4.80 -2.88 0.51
CA ALA A 240 4.54 -1.98 1.61
C ALA A 240 4.34 -2.82 2.85
N PRO A 241 5.20 -2.56 3.82
CA PRO A 241 5.21 -3.28 5.08
C PRO A 241 4.25 -2.65 6.09
N ARG A 242 2.99 -2.63 5.69
CA ARG A 242 2.03 -2.04 6.56
C ARG A 242 0.70 -2.10 5.89
N VAL A 243 -0.31 -1.56 6.59
CA VAL A 243 -1.65 -1.48 6.00
C VAL A 243 -1.50 -0.58 4.77
N HIS A 244 -2.26 -0.81 3.72
CA HIS A 244 -2.03 0.01 2.55
C HIS A 244 -3.34 0.51 1.96
N ASN A 245 -3.29 1.67 1.35
CA ASN A 245 -4.48 2.31 0.80
C ASN A 245 -5.32 1.44 -0.09
N SER A 246 -4.65 0.62 -0.83
CA SER A 246 -5.44 -0.17 -1.72
C SER A 246 -6.29 -1.20 -0.96
N GLY A 247 -6.08 -1.34 0.35
CA GLY A 247 -6.83 -2.31 1.17
C GLY A 247 -7.92 -1.72 2.04
N HIS A 248 -8.13 -0.41 1.91
CA HIS A 248 -9.15 0.27 2.69
C HIS A 248 -10.53 -0.33 2.55
N TRP A 249 -10.83 -0.82 1.35
CA TRP A 249 -12.12 -1.41 1.12
C TRP A 249 -12.43 -2.51 2.11
N THR A 250 -11.41 -3.14 2.64
CA THR A 250 -11.65 -4.20 3.58
C THR A 250 -12.37 -3.73 4.83
N GLN A 251 -12.39 -2.42 5.07
CA GLN A 251 -13.08 -1.94 6.26
C GLN A 251 -14.55 -2.30 6.27
N ASN A 252 -15.15 -2.20 5.11
CA ASN A 252 -16.56 -2.49 4.99
C ASN A 252 -16.86 -3.69 4.10
N GLY A 253 -15.86 -4.17 3.36
CA GLY A 253 -16.10 -5.24 2.43
C GLY A 253 -15.60 -6.61 2.84
N ALA A 254 -14.97 -6.74 4.00
CA ALA A 254 -14.47 -8.03 4.46
C ALA A 254 -14.86 -8.25 5.92
N SER A 255 -14.91 -9.51 6.40
CA SER A 255 -15.29 -9.83 7.79
C SER A 255 -14.31 -9.42 8.86
N ILE A 256 -13.07 -9.24 8.41
CA ILE A 256 -11.92 -8.78 9.19
C ILE A 256 -11.16 -7.72 8.38
N SER A 257 -11.04 -6.50 8.87
CA SER A 257 -10.38 -5.50 8.03
C SER A 257 -8.89 -5.59 8.14
N GLN A 258 -8.21 -4.90 7.23
CA GLN A 258 -6.79 -4.94 7.23
C GLN A 258 -6.19 -4.39 8.49
N PHE A 259 -6.93 -3.47 9.09
CA PHE A 259 -6.47 -2.82 10.29
C PHE A 259 -6.50 -3.80 11.46
N GLU A 260 -7.63 -4.47 11.57
CA GLU A 260 -7.85 -5.48 12.60
C GLU A 260 -6.84 -6.60 12.45
N LEU A 261 -6.69 -7.03 11.20
CA LEU A 261 -5.75 -8.07 10.85
C LEU A 261 -4.35 -7.70 11.30
N HIS A 262 -3.95 -6.48 10.99
CA HIS A 262 -2.63 -6.06 11.38
C HIS A 262 -2.53 -6.13 12.90
N LEU A 263 -3.55 -5.68 13.59
CA LEU A 263 -3.52 -5.67 15.06
C LEU A 263 -3.52 -7.05 15.67
N ARG A 264 -4.29 -7.97 15.08
CA ARG A 264 -4.38 -9.32 15.56
C ARG A 264 -3.02 -9.99 15.46
N ALA A 265 -2.42 -9.94 14.29
CA ALA A 265 -1.13 -10.54 14.09
C ALA A 265 -0.07 -10.13 15.10
N ILE A 266 0.12 -8.82 15.29
CA ILE A 266 1.14 -8.29 16.19
C ILE A 266 0.86 -8.46 17.68
N THR A 267 -0.39 -8.71 18.04
CA THR A 267 -0.72 -8.92 19.43
C THR A 267 -0.95 -10.41 19.70
N ASP A 268 -0.61 -11.25 18.73
CA ASP A 268 -0.73 -12.69 18.83
C ASP A 268 -2.15 -13.22 18.94
N LEU A 269 -3.08 -12.51 18.31
CA LEU A 269 -4.46 -12.93 18.33
C LEU A 269 -4.70 -13.90 17.19
N PRO A 270 -5.88 -14.48 17.16
CA PRO A 270 -6.19 -15.40 16.10
C PRO A 270 -6.24 -14.71 14.74
N LEU A 271 -5.83 -15.45 13.74
CA LEU A 271 -5.73 -14.93 12.39
C LEU A 271 -6.32 -15.84 11.34
N PRO A 272 -7.63 -16.05 11.40
CA PRO A 272 -8.27 -16.87 10.42
C PRO A 272 -8.38 -16.06 9.14
N GLN A 273 -8.77 -16.69 8.06
CA GLN A 273 -8.90 -16.05 6.78
C GLN A 273 -10.18 -15.23 6.73
N PRO A 274 -10.09 -13.97 6.34
CA PRO A 274 -11.28 -13.15 6.26
C PRO A 274 -12.23 -13.68 5.19
N VAL A 275 -13.49 -13.34 5.33
CA VAL A 275 -14.53 -13.73 4.41
C VAL A 275 -14.98 -12.50 3.63
N VAL A 276 -14.98 -12.66 2.32
CA VAL A 276 -15.42 -11.62 1.43
C VAL A 276 -16.56 -12.20 0.63
N ASN A 277 -17.73 -11.63 0.76
CA ASN A 277 -18.88 -12.15 0.06
C ASN A 277 -19.22 -11.34 -1.18
N ASN A 278 -18.89 -10.05 -1.14
CA ASN A 278 -19.15 -9.16 -2.24
C ASN A 278 -17.96 -8.32 -2.70
N PRO A 279 -18.20 -7.71 -3.86
CA PRO A 279 -17.27 -6.81 -4.49
C PRO A 279 -17.37 -5.50 -3.77
N SER A 280 -16.31 -4.71 -3.84
CA SER A 280 -16.24 -3.42 -3.19
C SER A 280 -15.52 -2.47 -4.10
N VAL A 281 -15.83 -1.21 -3.92
CA VAL A 281 -15.21 -0.13 -4.63
C VAL A 281 -14.84 0.95 -3.63
N MET A 282 -13.58 1.34 -3.68
CA MET A 282 -13.06 2.38 -2.83
C MET A 282 -12.70 3.55 -3.70
N ILE A 283 -13.08 4.73 -3.28
CA ILE A 283 -12.76 5.92 -4.03
C ILE A 283 -12.03 6.85 -3.11
N ASN A 284 -10.80 7.14 -3.48
CA ASN A 284 -9.96 8.00 -2.68
C ASN A 284 -10.28 9.47 -2.86
N LEU A 285 -10.31 10.18 -1.73
CA LEU A 285 -10.59 11.60 -1.67
C LEU A 285 -9.30 12.35 -1.60
N ILE A 286 -8.99 12.99 -2.72
CA ILE A 286 -7.77 13.73 -2.89
C ILE A 286 -8.00 15.21 -3.04
N GLY A 287 -7.42 15.95 -2.10
CA GLY A 287 -7.51 17.38 -2.02
C GLY A 287 -8.90 17.94 -2.23
N SER A 288 -9.92 17.17 -1.90
CA SER A 288 -11.31 17.60 -2.03
C SER A 288 -11.96 17.82 -0.67
N ASP A 289 -13.00 18.65 -0.64
CA ASP A 289 -13.74 18.90 0.58
C ASP A 289 -14.89 17.91 0.76
N VAL A 290 -15.28 17.70 2.02
CA VAL A 290 -16.40 16.81 2.35
C VAL A 290 -17.69 17.35 1.80
N ASN A 291 -18.47 16.46 1.26
CA ASN A 291 -19.74 16.81 0.72
C ASN A 291 -20.75 15.83 1.26
N TYR A 292 -21.39 16.25 2.31
CA TYR A 292 -22.36 15.42 2.96
C TYR A 292 -23.43 14.92 2.02
N ASP A 293 -23.42 15.43 0.80
CA ASP A 293 -24.39 15.00 -0.18
C ASP A 293 -24.13 13.57 -0.57
N TRP A 294 -22.87 13.18 -0.48
CA TRP A 294 -22.49 11.84 -0.83
C TRP A 294 -23.29 10.81 -0.04
N LEU A 295 -23.70 11.19 1.17
CA LEU A 295 -24.42 10.31 2.09
C LEU A 295 -25.87 10.08 1.75
N LYS A 296 -26.34 10.61 0.61
CA LYS A 296 -27.73 10.39 0.26
C LYS A 296 -27.88 9.05 -0.40
N LEU A 297 -26.72 8.49 -0.72
CA LEU A 297 -26.56 7.19 -1.30
C LEU A 297 -26.26 6.26 -0.13
N PRO A 298 -27.20 5.42 0.18
CA PRO A 298 -27.11 4.54 1.33
C PRO A 298 -25.97 3.54 1.29
N LEU A 299 -25.42 3.26 0.10
CA LEU A 299 -24.34 2.29 -0.02
C LEU A 299 -22.99 2.89 0.34
N VAL A 300 -22.92 4.21 0.34
CA VAL A 300 -21.69 4.90 0.59
C VAL A 300 -21.29 4.95 2.03
N HIS A 301 -20.02 4.62 2.23
CA HIS A 301 -19.41 4.67 3.53
C HIS A 301 -18.26 5.65 3.48
N LEU A 302 -18.41 6.73 4.19
CA LEU A 302 -17.41 7.76 4.23
C LEU A 302 -16.40 7.61 5.33
N HIS A 303 -15.12 7.69 4.93
CA HIS A 303 -13.99 7.69 5.83
C HIS A 303 -13.20 9.00 5.71
N TRP A 304 -13.51 9.91 6.60
CA TRP A 304 -12.91 11.21 6.60
C TRP A 304 -11.80 11.22 7.60
N TYR A 305 -10.65 11.64 7.13
CA TYR A 305 -9.48 11.60 7.95
C TYR A 305 -9.33 12.74 8.88
N ASP A 306 -10.18 13.73 8.73
CA ASP A 306 -10.04 14.88 9.60
C ASP A 306 -8.73 15.66 9.41
N LYS A 307 -8.26 15.76 8.17
CA LYS A 307 -7.03 16.48 7.84
C LYS A 307 -7.30 17.83 7.17
N GLU A 308 -6.41 18.80 7.36
CA GLU A 308 -6.61 20.07 6.72
C GLU A 308 -6.62 19.85 5.24
N VAL A 309 -7.66 20.30 4.57
CA VAL A 309 -7.71 20.09 3.14
C VAL A 309 -6.62 20.83 2.36
N ARG A 310 -6.07 20.10 1.40
CA ARG A 310 -5.01 20.61 0.54
C ARG A 310 -4.94 19.81 -0.75
N PRO A 311 -4.53 20.49 -1.79
CA PRO A 311 -4.41 19.89 -3.09
C PRO A 311 -3.37 18.81 -3.03
N GLY A 312 -3.71 17.69 -3.66
CA GLY A 312 -2.85 16.53 -3.65
C GLY A 312 -2.88 15.75 -2.33
N ARG A 313 -3.63 16.23 -1.34
CA ARG A 313 -3.65 15.56 -0.07
C ARG A 313 -4.81 14.58 0.07
N LYS A 314 -4.52 13.35 0.53
CA LYS A 314 -5.57 12.35 0.72
C LYS A 314 -6.29 12.73 1.98
N VAL A 315 -7.54 13.07 1.83
CA VAL A 315 -8.29 13.53 2.95
C VAL A 315 -9.32 12.56 3.45
N GLY A 316 -9.61 11.55 2.64
CA GLY A 316 -10.60 10.57 3.05
C GLY A 316 -10.84 9.58 1.93
N HIS A 317 -11.80 8.71 2.10
CA HIS A 317 -12.14 7.77 1.06
C HIS A 317 -13.56 7.35 1.26
N LEU A 318 -14.11 6.83 0.20
CA LEU A 318 -15.44 6.32 0.18
C LEU A 318 -15.35 4.86 -0.18
N ASN A 319 -16.04 4.03 0.59
CA ASN A 319 -16.11 2.61 0.33
C ASN A 319 -17.53 2.25 -0.01
N LEU A 320 -17.65 1.45 -1.07
CA LEU A 320 -18.95 0.97 -1.49
C LEU A 320 -18.88 -0.53 -1.64
N THR A 321 -19.92 -1.19 -1.17
CA THR A 321 -20.02 -2.63 -1.28
C THR A 321 -21.47 -2.97 -1.26
N ASP A 322 -21.82 -3.99 -2.03
CA ASP A 322 -23.18 -4.48 -2.16
C ASP A 322 -23.18 -5.78 -2.93
N SER A 323 -24.21 -6.57 -2.75
CA SER A 323 -24.33 -7.80 -3.51
C SER A 323 -24.95 -7.51 -4.87
N ASP A 324 -25.67 -6.41 -4.94
CA ASP A 324 -26.29 -6.05 -6.18
C ASP A 324 -25.41 -5.12 -6.98
N THR A 325 -24.78 -5.67 -7.99
CA THR A 325 -23.87 -4.96 -8.85
C THR A 325 -24.52 -3.80 -9.62
N SER A 326 -25.81 -3.95 -9.88
CA SER A 326 -26.56 -2.91 -10.58
C SER A 326 -26.72 -1.72 -9.66
N ARG A 327 -27.13 -2.02 -8.43
CA ARG A 327 -27.28 -1.01 -7.41
C ARG A 327 -25.94 -0.34 -7.18
N LEU A 328 -24.93 -1.19 -7.23
CA LEU A 328 -23.56 -0.75 -7.07
C LEU A 328 -23.17 0.19 -8.22
N THR A 329 -23.40 -0.21 -9.47
CA THR A 329 -23.04 0.67 -10.58
C THR A 329 -23.87 1.94 -10.62
N ALA A 330 -25.16 1.80 -10.32
CA ALA A 330 -26.04 2.95 -10.30
C ALA A 330 -25.50 4.02 -9.37
N THR A 331 -25.08 3.57 -8.17
CA THR A 331 -24.50 4.42 -7.13
C THR A 331 -23.27 5.15 -7.61
N LEU A 332 -22.47 4.46 -8.39
CA LEU A 332 -21.28 5.10 -8.93
C LEU A 332 -21.64 6.24 -9.85
N GLU A 333 -22.61 5.96 -10.73
CA GLU A 333 -23.07 6.99 -11.64
C GLU A 333 -23.54 8.22 -10.90
N ALA A 334 -24.40 7.96 -9.94
CA ALA A 334 -24.95 8.99 -9.12
C ALA A 334 -23.91 9.85 -8.45
N LEU A 335 -22.78 9.23 -8.19
CA LEU A 335 -21.77 9.96 -7.49
C LEU A 335 -21.03 10.91 -8.39
N ILE A 336 -21.02 10.63 -9.68
CA ILE A 336 -20.24 11.44 -10.61
C ILE A 336 -20.35 12.95 -10.45
N PRO A 337 -21.58 13.40 -10.51
CA PRO A 337 -21.92 14.79 -10.42
C PRO A 337 -21.65 15.40 -9.08
N LEU A 338 -21.69 14.54 -8.05
CA LEU A 338 -21.46 14.98 -6.68
C LEU A 338 -19.98 15.10 -6.37
N LEU A 339 -19.17 14.74 -7.37
CA LEU A 339 -17.72 14.78 -7.23
C LEU A 339 -17.08 15.70 -8.26
N PRO A 340 -15.94 16.28 -7.94
CA PRO A 340 -15.27 17.08 -8.93
C PRO A 340 -14.92 16.20 -10.12
N PRO A 341 -14.87 16.86 -11.26
CA PRO A 341 -14.64 16.29 -12.57
C PRO A 341 -13.44 15.38 -12.67
N GLU A 342 -12.40 15.70 -11.92
CA GLU A 342 -11.20 14.88 -11.95
C GLU A 342 -11.47 13.44 -11.49
N TYR A 343 -12.58 13.27 -10.76
CA TYR A 343 -12.96 11.99 -10.23
C TYR A 343 -13.69 11.14 -11.24
N ALA A 344 -14.27 11.79 -12.26
CA ALA A 344 -15.03 11.08 -13.27
C ALA A 344 -14.35 9.86 -13.89
N SER A 345 -13.14 10.07 -14.36
CA SER A 345 -12.37 9.02 -14.99
C SER A 345 -12.28 7.75 -14.15
N GLY A 346 -11.88 7.94 -12.88
CA GLY A 346 -11.73 6.85 -11.93
C GLY A 346 -13.02 6.08 -11.76
N VAL A 347 -14.11 6.81 -11.62
CA VAL A 347 -15.42 6.22 -11.43
C VAL A 347 -15.90 5.36 -12.60
N ILE A 348 -15.67 5.89 -13.80
CA ILE A 348 -16.09 5.14 -14.96
C ILE A 348 -15.29 3.88 -15.07
N TRP A 349 -14.02 4.05 -14.71
CA TRP A 349 -13.09 2.94 -14.73
C TRP A 349 -13.62 1.85 -13.84
N ALA A 350 -13.92 2.23 -12.60
CA ALA A 350 -14.42 1.28 -11.65
C ALA A 350 -15.65 0.64 -12.20
N GLN A 351 -16.52 1.50 -12.70
CA GLN A 351 -17.77 1.07 -13.30
C GLN A 351 -17.53 0.07 -14.42
N SER A 352 -16.54 0.40 -15.24
CA SER A 352 -16.14 -0.42 -16.37
C SER A 352 -15.85 -1.86 -15.97
N LYS A 353 -15.65 -2.12 -14.67
CA LYS A 353 -15.33 -3.46 -14.22
C LYS A 353 -16.50 -4.37 -14.01
N PHE A 354 -17.66 -3.78 -13.80
CA PHE A 354 -18.84 -4.58 -13.55
C PHE A 354 -19.59 -4.91 -14.82
N GLY A 355 -19.42 -4.03 -15.80
CA GLY A 355 -20.02 -4.20 -17.10
C GLY A 355 -19.61 -5.55 -17.68
S SO4 B . -0.39 4.10 0.59
O1 SO4 B . -0.61 4.13 -0.84
O2 SO4 B . -1.13 3.06 1.25
O3 SO4 B . 1.01 3.83 0.72
O4 SO4 B . -0.79 5.35 1.23
#